data_6CZQ
#
_entry.id   6CZQ
#
_cell.length_a   76.273
_cell.length_b   66.726
_cell.length_c   64.676
_cell.angle_alpha   90.000
_cell.angle_beta   92.190
_cell.angle_gamma   90.000
#
_symmetry.space_group_name_H-M   'C 1 2 1'
#
loop_
_entity.id
_entity.type
_entity.pdbx_description
1 polymer 'Small conductance calcium-activated potassium channel protein 2'
2 polymer Calmodulin-1
3 non-polymer 'SULFATE ION'
4 non-polymer 'CALCIUM ION'
5 water water
#
loop_
_entity_poly.entity_id
_entity_poly.type
_entity_poly.pdbx_seq_one_letter_code
_entity_poly.pdbx_strand_id
1 'polypeptide(L)'
;GRKLELTKAEKHFHNFMMDTQLTKRVKNAAANVLRETWLIYKNTKLVKKIDHAKVRKHQRKFLQAIHQLRSVKMEQRKLN
DQANTLVDLAKTQLE
;
B
2 'polypeptide(L)'
;AALTEEQIAEFKEAFSLFDKDGDGTITTKELGTVMRSLGQNPTEAELQDMINEVDADGNGTIDFPEFLTMMARKMKDTDS
EEEIREAFRVFDKDGNGYISAAELRHVMTNLGEKLTDEEVDEMIREADIDGDGQVNYEEFVQMMTA
;
R
#
loop_
_chem_comp.id
_chem_comp.type
_chem_comp.name
_chem_comp.formula
CA non-polymer 'CALCIUM ION' 'Ca 2'
SO4 non-polymer 'SULFATE ION' 'O4 S -2'
#
# COMPACT_ATOMS: atom_id res chain seq x y z
N GLY A 1 -1.14 22.46 6.55
CA GLY A 1 -0.47 21.49 5.70
C GLY A 1 -1.22 20.17 5.58
N ARG A 2 -0.54 19.17 5.02
CA ARG A 2 -1.17 17.87 4.81
C ARG A 2 -1.46 17.13 6.12
N LYS A 3 -0.72 17.43 7.18
CA LYS A 3 -0.93 16.88 8.52
C LYS A 3 -0.71 15.37 8.45
N LEU A 4 -1.74 14.56 8.69
CA LEU A 4 -1.58 13.12 8.73
C LEU A 4 -2.23 12.44 7.53
N GLU A 5 -2.57 13.21 6.50
CA GLU A 5 -3.16 12.63 5.30
C GLU A 5 -2.09 11.95 4.47
N LEU A 6 -2.50 10.90 3.75
CA LEU A 6 -1.61 10.20 2.86
C LEU A 6 -2.33 9.99 1.53
N THR A 7 -1.55 9.62 0.51
CA THR A 7 -2.09 9.45 -0.84
C THR A 7 -3.21 8.41 -0.85
N LYS A 8 -4.31 8.76 -1.53
CA LYS A 8 -5.48 7.90 -1.61
C LYS A 8 -5.23 6.70 -2.53
N ALA A 9 -5.68 5.53 -2.10
CA ALA A 9 -5.39 4.31 -2.84
C ALA A 9 -6.35 4.17 -4.02
N GLU A 10 -5.85 3.54 -5.08
CA GLU A 10 -6.52 3.56 -6.37
C GLU A 10 -7.79 2.72 -6.37
N LYS A 11 -8.71 3.10 -7.25
CA LYS A 11 -10.04 2.51 -7.29
C LYS A 11 -10.01 1.16 -8.00
N HIS A 12 -10.32 1.14 -9.29
CA HIS A 12 -10.18 -0.09 -10.05
C HIS A 12 -8.73 -0.27 -10.50
N PHE A 13 -8.49 -1.36 -11.22
CA PHE A 13 -7.12 -1.79 -11.42
C PHE A 13 -6.71 -1.60 -12.88
N HIS A 14 -6.75 -0.34 -13.33
CA HIS A 14 -6.32 0.03 -14.68
C HIS A 14 -4.82 0.29 -14.71
N ASN A 15 -4.04 -0.47 -13.94
CA ASN A 15 -2.64 -0.14 -13.73
C ASN A 15 -1.82 -1.39 -13.47
N PHE A 16 -0.51 -1.26 -13.71
CA PHE A 16 0.51 -2.28 -13.49
C PHE A 16 0.31 -3.53 -14.33
N MET A 17 -0.61 -3.48 -15.30
CA MET A 17 -0.61 -4.49 -16.35
C MET A 17 0.42 -4.18 -17.43
N MET A 18 1.17 -3.09 -17.27
CA MET A 18 2.39 -2.91 -18.05
C MET A 18 3.38 -4.04 -17.80
N ASP A 19 3.34 -4.63 -16.60
CA ASP A 19 4.03 -5.89 -16.36
C ASP A 19 3.41 -6.94 -17.27
N THR A 20 4.18 -7.42 -18.26
CA THR A 20 3.66 -8.39 -19.21
C THR A 20 3.36 -9.72 -18.53
N GLN A 21 4.11 -10.09 -17.49
CA GLN A 21 3.82 -11.33 -16.77
C GLN A 21 2.46 -11.26 -16.08
N LEU A 22 2.16 -10.14 -15.42
CA LEU A 22 0.90 -10.05 -14.69
C LEU A 22 -0.28 -10.16 -15.64
N THR A 23 -0.21 -9.48 -16.79
CA THR A 23 -1.33 -9.51 -17.72
C THR A 23 -1.47 -10.87 -18.40
N LYS A 24 -0.35 -11.55 -18.67
CA LYS A 24 -0.42 -12.94 -19.13
C LYS A 24 -1.05 -13.83 -18.06
N ARG A 25 -0.58 -13.71 -16.81
CA ARG A 25 -1.19 -14.46 -15.71
C ARG A 25 -2.68 -14.20 -15.58
N VAL A 26 -3.10 -12.91 -15.59
CA VAL A 26 -4.53 -12.59 -15.46
C VAL A 26 -5.35 -13.31 -16.53
N LYS A 27 -4.92 -13.21 -17.79
CA LYS A 27 -5.76 -13.68 -18.87
C LYS A 27 -5.80 -15.21 -18.95
N ASN A 28 -4.68 -15.87 -18.66
CA ASN A 28 -4.70 -17.32 -18.58
C ASN A 28 -5.56 -17.80 -17.40
N ALA A 29 -5.38 -17.18 -16.24
CA ALA A 29 -6.16 -17.60 -15.07
C ALA A 29 -7.64 -17.29 -15.24
N ALA A 30 -7.98 -16.09 -15.73
CA ALA A 30 -9.37 -15.76 -15.97
C ALA A 30 -10.01 -16.73 -16.96
N ALA A 31 -9.31 -17.04 -18.05
CA ALA A 31 -9.88 -17.99 -19.02
C ALA A 31 -10.11 -19.34 -18.35
N ASN A 32 -9.20 -19.75 -17.47
CA ASN A 32 -9.38 -21.03 -16.77
C ASN A 32 -10.53 -20.97 -15.76
N VAL A 33 -10.77 -19.83 -15.12
CA VAL A 33 -12.00 -19.67 -14.33
C VAL A 33 -13.23 -19.89 -15.19
N LEU A 34 -13.29 -19.21 -16.35
CA LEU A 34 -14.41 -19.41 -17.27
C LEU A 34 -14.53 -20.88 -17.67
N ARG A 35 -13.40 -21.50 -17.96
CA ARG A 35 -13.38 -22.88 -18.42
C ARG A 35 -13.93 -23.83 -17.36
N GLU A 36 -13.42 -23.74 -16.14
CA GLU A 36 -13.84 -24.70 -15.12
C GLU A 36 -15.22 -24.40 -14.56
N THR A 37 -15.65 -23.14 -14.54
CA THR A 37 -17.03 -22.82 -14.19
C THR A 37 -18.00 -23.47 -15.16
N TRP A 38 -17.79 -23.26 -16.47
CA TRP A 38 -18.57 -23.96 -17.48
C TRP A 38 -18.59 -25.47 -17.26
N LEU A 39 -17.40 -26.08 -17.14
CA LEU A 39 -17.32 -27.54 -17.10
C LEU A 39 -17.98 -28.12 -15.85
N ILE A 40 -17.87 -27.41 -14.72
CA ILE A 40 -18.54 -27.86 -13.51
C ILE A 40 -20.06 -27.77 -13.66
N TYR A 41 -20.53 -26.62 -14.15
CA TYR A 41 -21.97 -26.46 -14.36
C TYR A 41 -22.52 -27.51 -15.31
N LYS A 42 -21.84 -27.71 -16.44
CA LYS A 42 -22.28 -28.73 -17.40
C LYS A 42 -22.34 -30.11 -16.74
N ASN A 43 -21.31 -30.45 -15.96
CA ASN A 43 -21.19 -31.77 -15.36
C ASN A 43 -22.07 -31.97 -14.14
N THR A 44 -22.70 -30.92 -13.61
CA THR A 44 -23.66 -31.08 -12.54
C THR A 44 -25.11 -30.83 -12.96
N LYS A 45 -25.35 -29.94 -13.92
CA LYS A 45 -26.71 -29.53 -14.25
C LYS A 45 -27.15 -29.87 -15.67
N LEU A 46 -26.24 -30.18 -16.58
CA LEU A 46 -26.61 -30.43 -17.96
C LEU A 46 -26.40 -31.88 -18.37
N VAL A 47 -26.27 -32.79 -17.42
CA VAL A 47 -26.10 -34.20 -17.72
C VAL A 47 -27.15 -34.99 -16.95
N LYS A 48 -27.45 -36.18 -17.46
CA LYS A 48 -28.43 -37.02 -16.79
C LYS A 48 -27.84 -37.66 -15.54
N LYS A 49 -26.58 -38.08 -15.58
CA LYS A 49 -25.92 -38.74 -14.45
C LYS A 49 -24.62 -38.02 -14.15
N ILE A 50 -24.51 -37.50 -12.92
CA ILE A 50 -23.33 -36.72 -12.54
C ILE A 50 -22.16 -37.66 -12.32
N ASP A 51 -21.05 -37.38 -13.01
CA ASP A 51 -19.80 -38.13 -12.86
C ASP A 51 -18.96 -37.40 -11.83
N HIS A 52 -18.95 -37.92 -10.61
CA HIS A 52 -18.38 -37.19 -9.48
C HIS A 52 -16.87 -37.02 -9.60
N ALA A 53 -16.15 -37.98 -10.21
CA ALA A 53 -14.72 -37.78 -10.42
C ALA A 53 -14.46 -36.63 -11.38
N LYS A 54 -15.27 -36.52 -12.44
CA LYS A 54 -15.15 -35.38 -13.35
C LYS A 54 -15.34 -34.06 -12.60
N VAL A 55 -16.33 -34.01 -11.71
CA VAL A 55 -16.61 -32.78 -10.98
C VAL A 55 -15.45 -32.44 -10.05
N ARG A 56 -14.91 -33.45 -9.38
CA ARG A 56 -13.78 -33.19 -8.50
C ARG A 56 -12.59 -32.65 -9.28
N LYS A 57 -12.33 -33.24 -10.44
CA LYS A 57 -11.24 -32.76 -11.28
C LYS A 57 -11.39 -31.27 -11.57
N HIS A 58 -12.57 -30.88 -12.07
CA HIS A 58 -12.78 -29.49 -12.46
C HIS A 58 -12.95 -28.58 -11.26
N GLN A 59 -13.30 -29.12 -10.10
CA GLN A 59 -13.23 -28.33 -8.86
C GLN A 59 -11.80 -27.99 -8.50
N ARG A 60 -10.87 -28.93 -8.71
CA ARG A 60 -9.47 -28.64 -8.40
C ARG A 60 -8.91 -27.57 -9.34
N LYS A 61 -9.20 -27.70 -10.63
CA LYS A 61 -8.73 -26.71 -11.59
C LYS A 61 -9.43 -25.37 -11.39
N PHE A 62 -10.69 -25.37 -10.94
CA PHE A 62 -11.43 -24.13 -10.67
C PHE A 62 -10.81 -23.37 -9.49
N LEU A 63 -10.58 -24.07 -8.38
CA LEU A 63 -10.00 -23.39 -7.21
C LEU A 63 -8.60 -22.90 -7.53
N GLN A 64 -7.85 -23.67 -8.32
CA GLN A 64 -6.54 -23.24 -8.75
C GLN A 64 -6.61 -21.93 -9.54
N ALA A 65 -7.55 -21.84 -10.51
CA ALA A 65 -7.69 -20.59 -11.28
C ALA A 65 -8.21 -19.44 -10.44
N ILE A 66 -9.17 -19.70 -9.55
CA ILE A 66 -9.70 -18.59 -8.75
C ILE A 66 -8.58 -17.98 -7.91
N HIS A 67 -7.77 -18.85 -7.29
CA HIS A 67 -6.73 -18.37 -6.37
C HIS A 67 -5.56 -17.73 -7.11
N GLN A 68 -5.26 -18.17 -8.35
CA GLN A 68 -4.32 -17.43 -9.19
C GLN A 68 -4.80 -16.02 -9.45
N LEU A 69 -6.09 -15.87 -9.75
CA LEU A 69 -6.64 -14.54 -9.95
C LEU A 69 -6.51 -13.72 -8.67
N ARG A 70 -6.84 -14.31 -7.51
CA ARG A 70 -6.66 -13.62 -6.24
C ARG A 70 -5.20 -13.17 -6.07
N SER A 71 -4.26 -14.07 -6.32
CA SER A 71 -2.87 -13.71 -6.09
C SER A 71 -2.42 -12.57 -7.02
N VAL A 72 -2.96 -12.50 -8.26
CA VAL A 72 -2.69 -11.32 -9.09
C VAL A 72 -3.29 -10.06 -8.47
N LYS A 73 -4.55 -10.14 -8.00
CA LYS A 73 -5.21 -8.99 -7.39
C LYS A 73 -4.42 -8.47 -6.18
N MET A 74 -3.97 -9.37 -5.32
CA MET A 74 -3.18 -8.94 -4.17
C MET A 74 -1.85 -8.34 -4.58
N GLU A 75 -1.20 -8.90 -5.60
CA GLU A 75 0.06 -8.32 -6.06
C GLU A 75 -0.15 -6.91 -6.60
N GLN A 76 -1.24 -6.67 -7.33
CA GLN A 76 -1.53 -5.32 -7.81
C GLN A 76 -1.77 -4.37 -6.65
N ARG A 77 -2.44 -4.83 -5.59
CA ARG A 77 -2.63 -3.94 -4.46
C ARG A 77 -1.31 -3.63 -3.78
N LYS A 78 -0.43 -4.63 -3.68
CA LYS A 78 0.90 -4.40 -3.09
C LYS A 78 1.73 -3.44 -3.92
N LEU A 79 1.72 -3.60 -5.24
CA LEU A 79 2.43 -2.68 -6.13
C LEU A 79 1.91 -1.25 -6.01
N ASN A 80 0.60 -1.10 -5.89
CA ASN A 80 0.02 0.24 -5.75
C ASN A 80 0.45 0.88 -4.44
N ASP A 81 0.46 0.13 -3.35
CA ASP A 81 0.89 0.73 -2.09
C ASP A 81 2.39 1.00 -2.09
N GLN A 82 3.19 0.17 -2.76
CA GLN A 82 4.60 0.48 -2.91
C GLN A 82 4.77 1.80 -3.65
N ALA A 83 3.99 2.00 -4.72
CA ALA A 83 4.09 3.27 -5.43
C ALA A 83 3.55 4.43 -4.59
N ASN A 84 2.46 4.19 -3.86
CA ASN A 84 1.94 5.23 -2.99
C ASN A 84 2.91 5.58 -1.87
N THR A 85 3.79 4.64 -1.49
CA THR A 85 4.85 4.95 -0.54
C THR A 85 5.78 6.00 -1.10
N LEU A 86 6.20 5.84 -2.36
CA LEU A 86 7.11 6.80 -2.95
C LEU A 86 6.43 8.14 -3.20
N VAL A 87 5.16 8.11 -3.61
CA VAL A 87 4.40 9.35 -3.76
C VAL A 87 4.31 10.07 -2.42
N ASP A 88 3.94 9.34 -1.36
CA ASP A 88 3.88 9.92 -0.02
C ASP A 88 5.23 10.49 0.40
N LEU A 89 6.33 9.79 0.11
CA LEU A 89 7.64 10.33 0.46
C LEU A 89 7.93 11.61 -0.31
N ALA A 90 7.68 11.60 -1.62
CA ALA A 90 7.87 12.80 -2.44
C ALA A 90 7.02 13.95 -1.92
N LYS A 91 5.81 13.66 -1.45
CA LYS A 91 4.91 14.70 -1.00
C LYS A 91 5.38 15.39 0.27
N THR A 92 6.31 14.79 1.02
CA THR A 92 6.79 15.45 2.24
C THR A 92 7.60 16.71 1.93
N GLN A 93 7.95 16.95 0.66
CA GLN A 93 8.60 18.19 0.27
C GLN A 93 7.63 19.33 0.03
N LEU A 94 6.32 19.06 0.07
CA LEU A 94 5.33 20.12 -0.05
C LEU A 94 5.14 20.92 1.23
N GLU A 95 5.65 20.42 2.36
CA GLU A 95 5.51 21.10 3.65
C GLU A 95 6.47 22.28 3.82
N ALA B 1 -5.56 16.63 -11.60
CA ALA B 1 -4.35 16.11 -12.23
C ALA B 1 -3.63 17.20 -13.05
N ALA B 2 -3.48 18.38 -12.44
CA ALA B 2 -2.74 19.49 -13.03
C ALA B 2 -1.93 20.15 -11.93
N LEU B 3 -0.61 20.18 -12.10
CA LEU B 3 0.31 20.55 -11.02
C LEU B 3 0.56 22.05 -10.97
N THR B 4 0.51 22.60 -9.76
CA THR B 4 0.90 23.99 -9.55
C THR B 4 2.41 24.11 -9.74
N GLU B 5 2.84 25.29 -10.20
CA GLU B 5 4.27 25.52 -10.45
C GLU B 5 5.07 25.50 -9.15
N GLU B 6 4.50 26.03 -8.07
CA GLU B 6 4.99 25.80 -6.72
C GLU B 6 5.41 24.34 -6.49
N GLN B 7 4.52 23.42 -6.84
CA GLN B 7 4.76 22.02 -6.57
C GLN B 7 5.81 21.42 -7.50
N ILE B 8 6.06 22.05 -8.64
CA ILE B 8 7.07 21.53 -9.58
C ILE B 8 8.45 21.65 -8.96
N ALA B 9 8.81 22.85 -8.49
CA ALA B 9 10.08 23.03 -7.78
C ALA B 9 10.14 22.13 -6.56
N GLU B 10 8.99 21.86 -5.95
CA GLU B 10 8.93 20.99 -4.78
C GLU B 10 9.38 19.57 -5.10
N PHE B 11 8.84 19.00 -6.18
CA PHE B 11 9.13 17.62 -6.52
C PHE B 11 10.54 17.45 -7.05
N LYS B 12 11.17 18.51 -7.56
CA LYS B 12 12.58 18.41 -7.93
C LYS B 12 13.42 18.14 -6.69
N GLU B 13 13.10 18.81 -5.58
CA GLU B 13 13.77 18.48 -4.33
C GLU B 13 13.48 17.03 -3.93
N ALA B 14 12.23 16.59 -4.15
CA ALA B 14 11.90 15.19 -3.89
C ALA B 14 12.72 14.25 -4.76
N PHE B 15 12.94 14.61 -6.03
CA PHE B 15 13.68 13.75 -6.94
C PHE B 15 15.03 13.35 -6.39
N SER B 16 15.68 14.22 -5.60
CA SER B 16 17.00 13.90 -5.08
C SER B 16 16.95 12.94 -3.90
N LEU B 17 15.83 12.83 -3.18
CA LEU B 17 15.68 11.74 -2.24
C LEU B 17 15.78 10.37 -2.91
N PHE B 18 15.57 10.32 -4.23
CA PHE B 18 15.49 9.10 -5.00
C PHE B 18 16.69 8.85 -5.88
N ASP B 19 17.17 9.88 -6.58
CA ASP B 19 18.33 9.80 -7.46
C ASP B 19 19.60 9.81 -6.61
N LYS B 20 19.95 8.64 -6.07
CA LYS B 20 21.00 8.55 -5.06
C LYS B 20 22.37 9.00 -5.57
N ASP B 21 22.55 9.18 -6.87
CA ASP B 21 23.84 9.57 -7.44
C ASP B 21 23.76 10.85 -8.27
N GLY B 22 22.66 11.60 -8.17
CA GLY B 22 22.51 12.79 -9.00
C GLY B 22 22.53 12.50 -10.48
N ASP B 23 22.22 11.26 -10.86
CA ASP B 23 22.37 10.83 -12.25
C ASP B 23 21.45 11.60 -13.19
N GLY B 24 20.36 12.15 -12.67
CA GLY B 24 19.27 12.59 -13.50
C GLY B 24 18.25 11.52 -13.81
N THR B 25 18.51 10.27 -13.41
CA THR B 25 17.55 9.19 -13.55
C THR B 25 17.54 8.33 -12.30
N ILE B 26 16.38 7.73 -12.04
CA ILE B 26 16.21 6.77 -10.96
C ILE B 26 16.23 5.37 -11.57
N THR B 27 17.12 4.52 -11.08
CA THR B 27 17.20 3.12 -11.47
C THR B 27 16.50 2.23 -10.45
N THR B 28 16.37 0.94 -10.78
CA THR B 28 15.78 -0.01 -9.84
C THR B 28 16.66 -0.19 -8.61
N LYS B 29 17.98 -0.11 -8.77
CA LYS B 29 18.87 -0.32 -7.63
C LYS B 29 18.74 0.81 -6.63
N GLU B 30 18.55 2.03 -7.12
CA GLU B 30 18.33 3.16 -6.22
C GLU B 30 16.95 3.10 -5.57
N LEU B 31 15.93 2.75 -6.36
CA LEU B 31 14.59 2.59 -5.83
C LEU B 31 14.56 1.53 -4.75
N GLY B 32 15.34 0.45 -4.93
CA GLY B 32 15.38 -0.58 -3.90
C GLY B 32 16.03 -0.07 -2.64
N THR B 33 17.13 0.65 -2.78
CA THR B 33 17.80 1.27 -1.65
C THR B 33 16.85 2.19 -0.87
N VAL B 34 16.13 3.05 -1.59
CA VAL B 34 15.15 3.94 -0.95
C VAL B 34 14.05 3.12 -0.27
N MET B 35 13.40 2.22 -1.02
CA MET B 35 12.33 1.42 -0.45
C MET B 35 12.81 0.68 0.80
N ARG B 36 14.01 0.12 0.77
CA ARG B 36 14.51 -0.61 1.93
C ARG B 36 14.77 0.32 3.10
N SER B 37 15.23 1.55 2.84
CA SER B 37 15.39 2.54 3.90
C SER B 37 14.06 3.01 4.48
N LEU B 38 12.93 2.75 3.82
CA LEU B 38 11.64 2.98 4.43
C LEU B 38 11.05 1.73 5.05
N GLY B 39 11.84 0.66 5.17
CA GLY B 39 11.37 -0.53 5.86
C GLY B 39 10.55 -1.45 5.00
N GLN B 40 10.75 -1.41 3.68
CA GLN B 40 10.01 -2.28 2.78
C GLN B 40 11.01 -3.14 2.01
N ASN B 41 10.53 -4.26 1.48
CA ASN B 41 11.41 -5.22 0.79
C ASN B 41 10.82 -5.63 -0.54
N PRO B 42 10.65 -4.70 -1.48
CA PRO B 42 10.17 -5.08 -2.82
C PRO B 42 11.17 -5.98 -3.52
N THR B 43 10.65 -6.90 -4.32
CA THR B 43 11.46 -7.76 -5.14
C THR B 43 11.96 -6.99 -6.36
N GLU B 44 12.96 -7.56 -7.02
CA GLU B 44 13.47 -7.00 -8.28
C GLU B 44 12.37 -6.77 -9.30
N ALA B 45 11.44 -7.73 -9.46
CA ALA B 45 10.34 -7.55 -10.40
C ALA B 45 9.44 -6.40 -9.98
N GLU B 46 9.13 -6.30 -8.69
CA GLU B 46 8.26 -5.22 -8.23
C GLU B 46 8.89 -3.86 -8.51
N LEU B 47 10.21 -3.75 -8.35
CA LEU B 47 10.92 -2.51 -8.68
C LEU B 47 10.82 -2.21 -10.19
N GLN B 48 11.07 -3.23 -11.02
CA GLN B 48 10.99 -3.04 -12.47
C GLN B 48 9.59 -2.60 -12.86
N ASP B 49 8.57 -3.21 -12.25
CA ASP B 49 7.18 -2.83 -12.52
C ASP B 49 6.92 -1.38 -12.14
N MET B 50 7.43 -0.94 -10.98
CA MET B 50 7.23 0.43 -10.56
C MET B 50 7.83 1.40 -11.58
N ILE B 51 9.06 1.12 -12.00
CA ILE B 51 9.68 1.93 -13.05
C ILE B 51 8.90 1.83 -14.35
N ASN B 52 8.45 0.63 -14.70
CA ASN B 52 7.85 0.43 -16.01
C ASN B 52 6.52 1.14 -16.15
N GLU B 53 5.79 1.31 -15.06
CA GLU B 53 4.55 2.06 -15.22
C GLU B 53 4.80 3.55 -15.39
N VAL B 54 6.00 4.03 -15.07
CA VAL B 54 6.35 5.43 -15.20
C VAL B 54 7.24 5.72 -16.41
N ASP B 55 8.04 4.75 -16.85
CA ASP B 55 9.04 4.99 -17.88
C ASP B 55 8.38 5.21 -19.23
N ALA B 56 8.25 6.48 -19.61
CA ALA B 56 7.59 6.82 -20.88
C ALA B 56 8.42 6.37 -22.07
N ASP B 57 9.71 6.72 -22.10
CA ASP B 57 10.53 6.43 -23.26
C ASP B 57 10.97 4.97 -23.33
N GLY B 58 10.91 4.26 -22.21
CA GLY B 58 11.27 2.84 -22.22
C GLY B 58 12.75 2.57 -22.14
N ASN B 59 13.53 3.48 -21.57
CA ASN B 59 14.96 3.25 -21.37
C ASN B 59 15.27 2.61 -20.01
N GLY B 60 14.27 2.10 -19.30
CA GLY B 60 14.49 1.35 -18.08
C GLY B 60 14.73 2.16 -16.81
N THR B 61 14.78 3.49 -16.90
CA THR B 61 14.98 4.34 -15.72
C THR B 61 13.94 5.46 -15.74
N ILE B 62 13.83 6.17 -14.62
CA ILE B 62 12.86 7.26 -14.45
C ILE B 62 13.61 8.57 -14.44
N ASP B 63 13.29 9.45 -15.38
CA ASP B 63 13.77 10.81 -15.36
C ASP B 63 12.85 11.70 -14.52
N PHE B 64 13.32 12.91 -14.24
CA PHE B 64 12.44 13.87 -13.56
C PHE B 64 11.17 14.17 -14.35
N PRO B 65 11.19 14.27 -15.68
CA PRO B 65 9.91 14.40 -16.40
C PRO B 65 8.90 13.30 -16.09
N GLU B 66 9.32 12.02 -16.13
CA GLU B 66 8.40 10.92 -15.85
C GLU B 66 8.07 10.84 -14.37
N PHE B 67 9.01 11.22 -13.51
CA PHE B 67 8.74 11.29 -12.09
C PHE B 67 7.67 12.33 -11.82
N LEU B 68 7.92 13.55 -12.30
CA LEU B 68 7.01 14.66 -12.05
C LEU B 68 5.64 14.40 -12.66
N THR B 69 5.61 13.75 -13.83
CA THR B 69 4.31 13.47 -14.44
C THR B 69 3.50 12.50 -13.59
N MET B 70 4.14 11.44 -13.09
CA MET B 70 3.41 10.45 -12.30
C MET B 70 2.92 10.98 -10.95
N MET B 71 3.54 12.04 -10.41
CA MET B 71 2.97 12.64 -9.20
C MET B 71 1.61 13.28 -9.49
N ALA B 72 1.45 13.89 -10.67
CA ALA B 72 0.23 14.62 -10.98
C ALA B 72 -1.00 13.73 -10.92
N ARG B 73 -0.84 12.43 -11.19
CA ARG B 73 -1.95 11.50 -11.18
C ARG B 73 -2.28 10.96 -9.79
N LYS B 74 -1.54 11.35 -8.76
CA LYS B 74 -1.76 10.80 -7.41
C LYS B 74 -1.65 11.89 -6.36
N MET B 75 -2.14 13.09 -6.66
CA MET B 75 -2.13 14.15 -5.66
C MET B 75 -3.23 14.00 -4.63
N LYS B 76 -4.28 13.25 -4.95
CA LYS B 76 -5.42 13.14 -4.05
C LYS B 76 -5.03 12.41 -2.77
N ASP B 77 -5.32 13.03 -1.62
CA ASP B 77 -5.02 12.51 -0.29
C ASP B 77 -6.31 12.15 0.44
N THR B 78 -6.20 11.24 1.40
CA THR B 78 -7.33 10.91 2.27
C THR B 78 -6.83 10.78 3.70
N ASP B 79 -7.74 11.02 4.64
CA ASP B 79 -7.37 11.01 6.06
C ASP B 79 -7.02 9.58 6.51
N SER B 80 -6.22 9.52 7.57
CA SER B 80 -5.69 8.26 8.07
C SER B 80 -6.27 7.88 9.42
N GLU B 81 -7.37 8.53 9.83
CA GLU B 81 -7.90 8.34 11.17
C GLU B 81 -8.05 6.87 11.50
N GLU B 82 -8.67 6.09 10.61
CA GLU B 82 -8.98 4.70 10.92
C GLU B 82 -7.72 3.84 10.96
N GLU B 83 -6.74 4.12 10.09
CA GLU B 83 -5.49 3.37 10.14
C GLU B 83 -4.72 3.64 11.42
N ILE B 84 -4.75 4.88 11.90
CA ILE B 84 -4.05 5.19 13.13
C ILE B 84 -4.76 4.52 14.31
N ARG B 85 -6.09 4.55 14.31
CA ARG B 85 -6.84 3.85 15.34
C ARG B 85 -6.46 2.37 15.37
N GLU B 86 -6.26 1.77 14.20
CA GLU B 86 -5.92 0.34 14.15
C GLU B 86 -4.51 0.07 14.67
N ALA B 87 -3.58 1.02 14.50
CA ALA B 87 -2.26 0.89 15.12
C ALA B 87 -2.35 0.88 16.64
N PHE B 88 -3.14 1.79 17.22
CA PHE B 88 -3.42 1.73 18.65
C PHE B 88 -4.02 0.40 19.06
N ARG B 89 -4.99 -0.10 18.27
CA ARG B 89 -5.68 -1.34 18.64
C ARG B 89 -4.71 -2.51 18.81
N VAL B 90 -3.58 -2.48 18.10
CA VAL B 90 -2.54 -3.50 18.27
C VAL B 90 -2.22 -3.70 19.74
N PHE B 91 -2.27 -2.63 20.53
CA PHE B 91 -1.88 -2.68 21.94
C PHE B 91 -3.06 -2.75 22.88
N ASP B 92 -4.27 -2.89 22.35
CA ASP B 92 -5.48 -2.99 23.14
C ASP B 92 -5.65 -4.46 23.49
N LYS B 93 -4.98 -4.87 24.58
CA LYS B 93 -4.88 -6.29 24.93
C LYS B 93 -6.25 -6.93 25.10
N ASP B 94 -7.18 -6.25 25.76
CA ASP B 94 -8.52 -6.79 26.01
C ASP B 94 -9.52 -6.44 24.92
N GLY B 95 -9.10 -5.73 23.88
CA GLY B 95 -10.05 -5.32 22.84
C GLY B 95 -11.24 -4.54 23.38
N ASN B 96 -11.04 -3.71 24.40
CA ASN B 96 -12.13 -2.94 25.00
C ASN B 96 -12.05 -1.46 24.65
N GLY B 97 -11.25 -1.10 23.66
CA GLY B 97 -11.12 0.28 23.27
C GLY B 97 -10.32 1.15 24.22
N TYR B 98 -9.73 0.59 25.27
CA TYR B 98 -8.90 1.36 26.19
C TYR B 98 -7.50 0.75 26.25
N ILE B 99 -6.51 1.63 26.40
CA ILE B 99 -5.16 1.27 26.75
C ILE B 99 -4.81 2.10 27.97
N SER B 100 -4.32 1.44 29.02
CA SER B 100 -3.94 2.16 30.22
C SER B 100 -2.77 3.09 29.92
N ALA B 101 -2.69 4.17 30.70
CA ALA B 101 -1.57 5.08 30.57
C ALA B 101 -0.26 4.37 30.87
N ALA B 102 -0.25 3.49 31.86
CA ALA B 102 0.96 2.75 32.18
C ALA B 102 1.39 1.91 30.98
N GLU B 103 0.43 1.24 30.34
CA GLU B 103 0.75 0.39 29.19
C GLU B 103 1.19 1.22 27.99
N LEU B 104 0.58 2.39 27.78
CA LEU B 104 1.02 3.22 26.68
C LEU B 104 2.44 3.73 26.93
N ARG B 105 2.79 4.04 28.20
CA ARG B 105 4.17 4.42 28.49
C ARG B 105 5.11 3.26 28.26
N HIS B 106 4.69 2.04 28.62
CA HIS B 106 5.53 0.86 28.39
C HIS B 106 5.78 0.66 26.91
N VAL B 107 4.74 0.82 26.09
CA VAL B 107 4.88 0.65 24.65
C VAL B 107 5.80 1.73 24.07
N MET B 108 5.51 3.00 24.38
CA MET B 108 6.25 4.08 23.74
C MET B 108 7.71 4.13 24.19
N THR B 109 8.03 3.62 25.38
CA THR B 109 9.43 3.69 25.79
C THR B 109 10.21 2.43 25.45
N ASN B 110 9.59 1.39 24.88
CA ASN B 110 10.31 0.15 24.60
C ASN B 110 10.24 -0.32 23.15
N LEU B 111 9.19 0.04 22.41
CA LEU B 111 8.99 -0.46 21.05
C LEU B 111 9.21 0.65 20.02
N GLY B 112 9.57 0.22 18.80
CA GLY B 112 9.86 1.15 17.72
C GLY B 112 11.06 2.01 18.03
N GLU B 113 11.07 3.21 17.45
CA GLU B 113 12.11 4.21 17.66
C GLU B 113 12.09 4.79 19.07
N LYS B 114 10.94 4.75 19.75
CA LYS B 114 10.79 5.12 21.16
C LYS B 114 10.74 6.62 21.41
N LEU B 115 10.20 6.97 22.58
CA LEU B 115 10.22 8.33 23.10
C LEU B 115 10.87 8.35 24.46
N THR B 116 11.39 9.51 24.83
CA THR B 116 11.86 9.71 26.19
C THR B 116 10.68 9.71 27.17
N ASP B 117 10.99 9.41 28.44
CA ASP B 117 9.93 9.43 29.44
C ASP B 117 9.30 10.81 29.54
N GLU B 118 10.09 11.86 29.33
CA GLU B 118 9.53 13.21 29.29
C GLU B 118 8.57 13.39 28.12
N GLU B 119 8.97 12.94 26.91
CA GLU B 119 8.09 13.05 25.76
C GLU B 119 6.79 12.31 26.00
N VAL B 120 6.88 11.12 26.58
CA VAL B 120 5.69 10.32 26.84
C VAL B 120 4.78 11.01 27.84
N ASP B 121 5.36 11.76 28.79
CA ASP B 121 4.54 12.50 29.75
C ASP B 121 3.61 13.47 29.03
N GLU B 122 4.15 14.21 28.07
CA GLU B 122 3.29 15.15 27.35
C GLU B 122 2.23 14.42 26.54
N MET B 123 2.60 13.30 25.92
CA MET B 123 1.66 12.54 25.11
C MET B 123 0.52 12.00 25.96
N ILE B 124 0.84 11.41 27.11
CA ILE B 124 -0.23 10.89 27.99
C ILE B 124 -1.09 12.03 28.55
N ARG B 125 -0.50 13.19 28.82
CA ARG B 125 -1.29 14.31 29.32
C ARG B 125 -2.41 14.68 28.35
N GLU B 126 -2.09 14.70 27.04
CA GLU B 126 -3.09 14.91 25.99
C GLU B 126 -3.98 13.69 25.82
N ALA B 127 -3.40 12.49 25.88
CA ALA B 127 -4.15 11.29 25.53
C ALA B 127 -5.18 10.90 26.60
N ASP B 128 -4.83 11.04 27.88
CA ASP B 128 -5.76 10.68 28.95
C ASP B 128 -6.70 11.84 29.22
N ILE B 129 -7.68 11.99 28.33
CA ILE B 129 -8.62 13.11 28.34
C ILE B 129 -9.38 13.18 29.67
N ASP B 130 -9.83 12.04 30.19
CA ASP B 130 -10.66 12.06 31.38
C ASP B 130 -9.85 12.06 32.66
N GLY B 131 -8.52 12.02 32.58
CA GLY B 131 -7.70 11.97 33.78
C GLY B 131 -7.94 10.75 34.63
N ASP B 132 -8.29 9.62 34.01
CA ASP B 132 -8.62 8.41 34.75
C ASP B 132 -7.56 7.33 34.59
N GLY B 133 -6.40 7.69 34.03
CA GLY B 133 -5.34 6.72 33.82
C GLY B 133 -5.57 5.78 32.68
N GLN B 134 -6.56 6.04 31.82
CA GLN B 134 -6.92 5.18 30.71
C GLN B 134 -7.00 6.02 29.44
N VAL B 135 -6.60 5.45 28.32
CA VAL B 135 -6.61 6.16 27.04
C VAL B 135 -7.67 5.50 26.18
N ASN B 136 -8.73 6.26 25.92
CA ASN B 136 -9.72 5.92 24.92
C ASN B 136 -9.13 6.33 23.59
N TYR B 137 -8.55 5.37 22.86
CA TYR B 137 -7.66 5.79 21.80
C TYR B 137 -8.41 6.27 20.56
N GLU B 138 -9.66 5.83 20.38
CA GLU B 138 -10.47 6.40 19.30
C GLU B 138 -10.72 7.89 19.52
N GLU B 139 -11.00 8.29 20.76
CA GLU B 139 -11.22 9.71 21.04
C GLU B 139 -9.92 10.49 20.90
N PHE B 140 -8.83 9.96 21.44
CA PHE B 140 -7.52 10.60 21.28
C PHE B 140 -7.10 10.71 19.81
N VAL B 141 -7.35 9.65 19.03
CA VAL B 141 -7.00 9.71 17.61
C VAL B 141 -7.89 10.72 16.89
N GLN B 142 -9.15 10.82 17.30
CA GLN B 142 -10.03 11.81 16.70
C GLN B 142 -9.55 13.22 17.01
N MET B 143 -9.05 13.44 18.23
CA MET B 143 -8.53 14.77 18.57
C MET B 143 -7.31 15.12 17.74
N MET B 144 -6.42 14.17 17.51
CA MET B 144 -5.21 14.49 16.76
C MET B 144 -5.43 14.65 15.27
N THR B 145 -6.49 14.05 14.71
CA THR B 145 -6.75 14.14 13.28
C THR B 145 -7.76 15.22 12.93
N ALA B 146 -8.18 16.02 13.91
CA ALA B 146 -9.15 17.09 13.69
C ALA B 146 -8.58 18.19 12.79
S SO4 C . -9.71 -31.75 -18.83
O1 SO4 C . -9.53 -31.05 -20.10
O2 SO4 C . -9.62 -30.82 -17.72
O3 SO4 C . -8.64 -32.73 -18.72
O4 SO4 C . -11.03 -32.39 -18.79
S SO4 D . -4.76 -32.84 -15.22
O1 SO4 D . -5.63 -32.92 -16.40
O2 SO4 D . -4.15 -31.52 -15.16
O3 SO4 D . -3.74 -33.87 -15.33
O4 SO4 D . -5.56 -33.08 -14.01
CA CA E . 20.60 7.69 -10.62
CA CA F . 13.05 7.13 -18.70
S SO4 G . -11.77 11.21 0.79
O1 SO4 G . -10.70 11.97 0.15
O2 SO4 G . -12.53 12.10 1.68
O3 SO4 G . -11.20 10.13 1.58
O4 SO4 G . -12.67 10.66 -0.23
#